data_3VOQ
#
_entry.id   3VOQ
#
_cell.length_a   79.293
_cell.length_b   79.293
_cell.length_c   123.599
_cell.angle_alpha   90.000
_cell.angle_beta   90.000
_cell.angle_gamma   90.000
#
_symmetry.space_group_name_H-M   'P 43 21 2'
#
loop_
_entity.id
_entity.type
_entity.pdbx_description
1 polymer 'Target of rapamycin complex 2 subunit MAPKAP1'
2 water water
#
_entity_poly.entity_id   1
_entity_poly.type   'polypeptide(L)'
_entity_poly.pdbx_seq_one_letter_code
;GAMATVQDMLSSHHYKSFKVSMIHRLRFTTDVQLGISGDKVEIDPVTNQKASTKFWIKQKPISIDSDLLCACDLAEEKSP
SHAIFKLTYLSNHDYKHLYFESDAATVNEIVLKVNYILESRASTA
;
_entity_poly.pdbx_strand_id   A,B
#
# COMPACT_ATOMS: atom_id res chain seq x y z
N GLY A 1 32.10 -19.05 3.66
CA GLY A 1 33.39 -18.77 3.04
C GLY A 1 33.26 -19.04 1.55
N ALA A 2 34.39 -19.30 0.91
CA ALA A 2 34.39 -19.37 -0.56
C ALA A 2 33.40 -20.47 -1.04
N MET A 3 33.39 -21.63 -0.40
CA MET A 3 32.65 -22.77 -1.02
C MET A 3 31.13 -22.57 -0.80
N ALA A 4 30.73 -21.98 0.31
CA ALA A 4 29.30 -21.61 0.49
C ALA A 4 28.87 -20.58 -0.51
N THR A 5 29.75 -19.63 -0.86
CA THR A 5 29.50 -18.59 -1.83
C THR A 5 29.40 -19.22 -3.20
N VAL A 6 30.26 -20.19 -3.50
CA VAL A 6 30.10 -20.91 -4.78
C VAL A 6 28.79 -21.76 -4.80
N GLN A 7 28.43 -22.40 -3.69
CA GLN A 7 27.13 -23.12 -3.62
C GLN A 7 25.98 -22.16 -3.92
N ASP A 8 26.03 -20.98 -3.35
CA ASP A 8 24.96 -19.98 -3.62
C ASP A 8 24.92 -19.56 -5.13
N MET A 9 26.07 -19.42 -5.76
CA MET A 9 26.07 -19.13 -7.21
C MET A 9 25.45 -20.31 -7.95
N LEU A 10 25.86 -21.52 -7.62
CA LEU A 10 25.33 -22.70 -8.33
C LEU A 10 23.81 -22.83 -8.26
N SER A 11 23.24 -22.45 -7.10
CA SER A 11 21.82 -22.63 -6.77
C SER A 11 21.09 -21.31 -7.10
N SER A 12 21.73 -20.36 -7.74
CA SER A 12 21.12 -19.02 -7.87
C SER A 12 19.87 -18.96 -8.71
N HIS A 13 19.79 -19.88 -9.69
CA HIS A 13 18.64 -19.93 -10.52
C HIS A 13 17.57 -20.86 -10.01
N HIS A 14 17.78 -21.56 -8.91
CA HIS A 14 16.78 -22.51 -8.43
C HIS A 14 15.66 -21.65 -7.83
N TYR A 15 14.47 -22.22 -7.80
CA TYR A 15 13.32 -21.58 -7.13
C TYR A 15 13.55 -21.39 -5.65
N LYS A 16 13.29 -20.20 -5.12
CA LYS A 16 13.22 -20.04 -3.70
C LYS A 16 12.17 -18.92 -3.37
N SER A 17 11.38 -19.13 -2.32
CA SER A 17 10.37 -18.07 -1.99
C SER A 17 10.74 -17.40 -0.73
N PHE A 18 10.41 -16.12 -0.62
CA PHE A 18 10.77 -15.36 0.55
C PHE A 18 9.47 -14.64 1.08
N LYS A 19 9.27 -14.59 2.38
CA LYS A 19 8.13 -13.82 3.01
C LYS A 19 8.63 -12.45 3.25
N VAL A 20 8.12 -11.46 2.52
CA VAL A 20 8.63 -10.08 2.66
C VAL A 20 7.35 -9.14 2.61
N SER A 21 7.55 -7.88 2.92
CA SER A 21 6.53 -6.81 2.79
C SER A 21 6.75 -6.14 1.47
N MET A 22 5.71 -6.06 0.67
CA MET A 22 5.66 -5.17 -0.47
C MET A 22 5.18 -3.75 -0.03
N ILE A 23 5.91 -2.70 -0.42
CA ILE A 23 5.57 -1.34 -0.09
C ILE A 23 4.60 -0.82 -1.20
N HIS A 24 3.40 -0.28 -0.83
CA HIS A 24 2.45 0.31 -1.83
C HIS A 24 2.45 1.79 -1.79
N ARG A 25 2.57 2.41 -2.97
CA ARG A 25 2.68 3.88 -3.07
C ARG A 25 3.60 4.55 -2.09
N LEU A 26 4.71 3.91 -1.74
CA LEU A 26 5.67 4.48 -0.81
C LEU A 26 5.04 4.90 0.52
N ARG A 27 3.96 4.21 0.89
CA ARG A 27 3.20 4.53 2.08
C ARG A 27 2.96 3.39 3.01
N PHE A 28 2.43 2.26 2.53
CA PHE A 28 2.19 1.21 3.48
C PHE A 28 2.64 -0.17 2.98
N THR A 29 2.68 -1.18 3.84
CA THR A 29 3.07 -2.50 3.30
C THR A 29 1.97 -3.48 3.41
N THR A 30 2.00 -4.51 2.56
CA THR A 30 1.21 -5.74 2.73
C THR A 30 2.19 -6.94 2.68
N ASP A 31 1.75 -8.08 3.14
CA ASP A 31 2.67 -9.24 3.17
C ASP A 31 2.50 -10.06 1.95
N VAL A 32 3.63 -10.45 1.31
CA VAL A 32 3.54 -11.24 0.07
C VAL A 32 4.49 -12.46 0.20
N GLN A 33 4.30 -13.42 -0.66
CA GLN A 33 5.35 -14.37 -0.89
C GLN A 33 5.98 -13.99 -2.27
N LEU A 34 7.29 -13.78 -2.26
CA LEU A 34 8.05 -13.40 -3.48
C LEU A 34 8.84 -14.73 -3.87
N GLY A 35 8.42 -15.33 -4.95
CA GLY A 35 9.01 -16.60 -5.44
C GLY A 35 9.96 -16.13 -6.57
N ILE A 36 11.23 -16.55 -6.50
CA ILE A 36 12.23 -16.12 -7.53
C ILE A 36 12.92 -17.41 -8.08
N SER A 37 13.01 -17.56 -9.40
CA SER A 37 13.91 -18.60 -9.94
C SER A 37 14.42 -18.00 -11.21
N GLY A 38 15.31 -18.71 -11.93
CA GLY A 38 15.76 -18.22 -13.26
C GLY A 38 14.64 -18.10 -14.31
N ASP A 39 13.51 -18.75 -14.08
CA ASP A 39 12.32 -18.67 -15.04
C ASP A 39 11.50 -17.38 -14.81
N LYS A 40 11.28 -16.97 -13.56
CA LYS A 40 10.34 -15.89 -13.33
C LYS A 40 10.33 -15.44 -11.89
N VAL A 41 9.74 -14.24 -11.65
CA VAL A 41 9.60 -13.67 -10.36
C VAL A 41 8.04 -13.63 -10.09
N GLU A 42 7.55 -14.25 -9.01
CA GLU A 42 6.12 -14.13 -8.65
C GLU A 42 5.89 -13.46 -7.34
N ILE A 43 4.84 -12.62 -7.28
CA ILE A 43 4.43 -11.96 -6.02
C ILE A 43 2.97 -12.37 -5.81
N ASP A 44 2.74 -13.05 -4.69
CA ASP A 44 1.42 -13.51 -4.30
C ASP A 44 1.17 -12.93 -2.92
N PRO A 45 0.04 -12.22 -2.77
CA PRO A 45 -0.37 -11.69 -1.50
C PRO A 45 -0.57 -12.83 -0.52
N VAL A 46 -0.04 -12.72 0.69
CA VAL A 46 -0.23 -13.80 1.67
C VAL A 46 -1.67 -13.93 2.28
N THR A 53 -14.01 -5.65 3.84
CA THR A 53 -13.68 -6.67 2.85
C THR A 53 -14.73 -6.62 1.70
N LYS A 54 -15.67 -5.66 1.75
CA LYS A 54 -16.45 -5.25 0.54
C LYS A 54 -16.03 -3.85 -0.09
N PHE A 55 -15.37 -3.01 0.71
CA PHE A 55 -14.65 -1.83 0.11
C PHE A 55 -13.15 -2.06 0.13
N TRP A 56 -12.74 -3.30 -0.14
CA TRP A 56 -11.32 -3.71 0.00
C TRP A 56 -10.61 -3.57 -1.33
N ILE A 57 -9.52 -2.76 -1.38
CA ILE A 57 -8.58 -2.69 -2.53
C ILE A 57 -7.90 -4.09 -2.77
N LYS A 58 -8.34 -4.85 -3.79
CA LYS A 58 -7.83 -6.22 -4.07
C LYS A 58 -6.32 -6.19 -4.50
N GLN A 59 -5.48 -7.12 -4.02
CA GLN A 59 -4.07 -7.20 -4.55
C GLN A 59 -3.93 -8.34 -5.57
N LYS A 60 -3.72 -8.05 -6.83
CA LYS A 60 -3.71 -9.16 -7.81
C LYS A 60 -2.27 -9.85 -7.79
N PRO A 61 -2.18 -11.17 -7.99
CA PRO A 61 -0.84 -11.83 -8.08
C PRO A 61 -0.09 -11.24 -9.24
N ILE A 62 1.26 -11.16 -9.16
CA ILE A 62 2.05 -10.58 -10.25
C ILE A 62 2.97 -11.73 -10.70
N SER A 63 3.10 -11.90 -12.03
CA SER A 63 4.06 -12.89 -12.53
C SER A 63 4.97 -12.21 -13.53
N ILE A 64 6.29 -12.24 -13.34
CA ILE A 64 7.16 -11.53 -14.29
C ILE A 64 8.16 -12.56 -14.92
N ASP A 65 8.19 -12.73 -16.24
CA ASP A 65 9.23 -13.55 -16.92
C ASP A 65 10.58 -13.01 -16.55
N SER A 66 11.52 -13.86 -16.15
CA SER A 66 12.83 -13.32 -15.76
C SER A 66 13.50 -12.55 -16.87
N ASP A 67 13.19 -12.85 -18.15
CA ASP A 67 13.85 -12.04 -19.21
C ASP A 67 13.23 -10.60 -19.33
N LEU A 68 12.17 -10.31 -18.59
CA LEU A 68 11.70 -8.87 -18.57
C LEU A 68 12.24 -8.11 -17.33
N LEU A 69 13.02 -8.79 -16.48
CA LEU A 69 13.67 -8.08 -15.36
C LEU A 69 14.76 -7.17 -15.90
N CYS A 70 14.94 -5.98 -15.30
CA CYS A 70 15.94 -5.00 -15.71
C CYS A 70 16.92 -4.78 -14.59
N ALA A 71 16.51 -4.70 -13.31
CA ALA A 71 17.47 -4.28 -12.26
C ALA A 71 16.92 -4.63 -10.91
N CYS A 72 17.84 -4.86 -9.95
CA CYS A 72 17.41 -5.16 -8.58
C CYS A 72 18.44 -4.50 -7.70
N ASP A 73 17.99 -3.56 -6.87
CA ASP A 73 19.00 -2.65 -6.20
C ASP A 73 18.60 -2.43 -4.77
N LEU A 74 19.56 -2.45 -3.86
CA LEU A 74 19.27 -2.15 -2.48
C LEU A 74 18.87 -0.66 -2.43
N ALA A 75 17.73 -0.33 -1.84
CA ALA A 75 17.29 1.10 -1.97
C ALA A 75 17.80 1.87 -0.75
N GLU A 76 17.68 1.24 0.42
CA GLU A 76 18.41 1.71 1.58
C GLU A 76 18.36 0.61 2.64
N GLU A 77 19.37 0.64 3.52
CA GLU A 77 19.46 -0.25 4.65
C GLU A 77 19.43 0.62 5.92
N LYS A 78 18.31 0.55 6.65
CA LYS A 78 18.04 1.32 7.87
C LYS A 78 18.81 0.74 9.07
N SER A 79 18.44 -0.49 9.45
CA SER A 79 19.05 -1.25 10.53
C SER A 79 19.33 -2.65 9.97
N PRO A 80 19.92 -3.55 10.79
CA PRO A 80 19.81 -4.99 10.53
C PRO A 80 18.34 -5.48 10.36
N SER A 81 17.42 -4.63 10.76
CA SER A 81 16.05 -5.07 10.87
C SER A 81 15.15 -4.66 9.71
N HIS A 82 15.52 -3.57 9.03
CA HIS A 82 14.70 -3.02 7.92
C HIS A 82 15.63 -2.66 6.82
N ALA A 83 15.47 -3.33 5.67
CA ALA A 83 16.13 -2.81 4.46
C ALA A 83 15.05 -2.91 3.39
N ILE A 84 15.25 -2.10 2.38
CA ILE A 84 14.27 -1.95 1.26
C ILE A 84 15.08 -2.15 -0.02
N PHE A 85 14.48 -2.92 -0.93
CA PHE A 85 15.09 -3.04 -2.26
C PHE A 85 14.03 -2.75 -3.34
N LYS A 86 14.52 -2.44 -4.53
CA LYS A 86 13.72 -2.03 -5.58
C LYS A 86 13.92 -3.02 -6.72
N LEU A 87 12.84 -3.56 -7.27
CA LEU A 87 12.93 -4.35 -8.49
C LEU A 87 12.33 -3.63 -9.66
N THR A 88 13.08 -3.51 -10.74
CA THR A 88 12.62 -2.85 -11.96
C THR A 88 12.45 -3.89 -13.07
N TYR A 89 11.37 -3.76 -13.82
CA TYR A 89 11.11 -4.74 -14.92
C TYR A 89 10.33 -4.05 -16.03
N LEU A 90 10.20 -4.71 -17.18
CA LEU A 90 9.51 -4.13 -18.31
C LEU A 90 8.19 -4.79 -18.38
N SER A 91 7.12 -3.99 -18.45
CA SER A 91 5.78 -4.58 -18.53
C SER A 91 5.00 -3.78 -19.60
N ASN A 92 4.54 -4.43 -20.66
CA ASN A 92 3.91 -3.78 -21.78
C ASN A 92 4.58 -2.48 -22.21
N HIS A 93 5.90 -2.50 -22.38
CA HIS A 93 6.74 -1.46 -22.98
C HIS A 93 7.07 -0.37 -22.03
N ASP A 94 6.70 -0.49 -20.75
CA ASP A 94 7.13 0.59 -19.80
C ASP A 94 7.95 -0.08 -18.69
N TYR A 95 8.86 0.66 -18.05
CA TYR A 95 9.59 0.18 -16.86
C TYR A 95 8.66 0.32 -15.69
N LYS A 96 8.45 -0.74 -14.94
CA LYS A 96 7.74 -0.65 -13.72
C LYS A 96 8.67 -0.93 -12.56
N HIS A 97 8.31 -0.48 -11.36
CA HIS A 97 9.28 -0.56 -10.19
C HIS A 97 8.47 -1.05 -9.04
N LEU A 98 8.93 -2.06 -8.34
CA LEU A 98 8.29 -2.54 -7.12
C LEU A 98 9.28 -2.45 -5.93
N TYR A 99 8.74 -2.19 -4.73
CA TYR A 99 9.59 -1.95 -3.53
C TYR A 99 9.21 -2.96 -2.52
N PHE A 100 10.23 -3.57 -1.85
CA PHE A 100 9.94 -4.57 -0.86
C PHE A 100 10.82 -4.25 0.38
N GLU A 101 10.38 -4.65 1.56
CA GLU A 101 11.33 -4.50 2.69
C GLU A 101 11.31 -5.77 3.49
N SER A 102 12.41 -6.03 4.18
CA SER A 102 12.49 -7.18 5.05
C SER A 102 13.70 -6.91 5.98
N ASP A 103 14.14 -7.89 6.73
CA ASP A 103 15.46 -7.71 7.42
C ASP A 103 16.61 -7.60 6.43
N ALA A 104 17.74 -7.04 6.86
CA ALA A 104 18.81 -6.81 5.94
C ALA A 104 19.37 -8.10 5.31
N ALA A 105 19.34 -9.22 6.07
CA ALA A 105 19.96 -10.52 5.64
C ALA A 105 19.15 -11.08 4.41
N THR A 106 17.83 -11.21 4.59
CA THR A 106 16.85 -11.52 3.53
C THR A 106 16.96 -10.67 2.32
N VAL A 107 17.06 -9.37 2.53
CA VAL A 107 17.16 -8.40 1.41
C VAL A 107 18.45 -8.60 0.69
N ASN A 108 19.56 -8.68 1.41
CA ASN A 108 20.81 -8.87 0.67
C ASN A 108 20.87 -10.22 -0.13
N GLU A 109 20.29 -11.26 0.43
CA GLU A 109 20.17 -12.52 -0.24
C GLU A 109 19.34 -12.38 -1.56
N ILE A 110 18.18 -11.71 -1.50
CA ILE A 110 17.34 -11.54 -2.74
C ILE A 110 18.09 -10.73 -3.74
N VAL A 111 18.63 -9.55 -3.31
CA VAL A 111 19.27 -8.69 -4.28
C VAL A 111 20.43 -9.52 -5.00
N LEU A 112 21.23 -10.22 -4.20
CA LEU A 112 22.32 -11.02 -4.83
C LEU A 112 21.75 -12.05 -5.82
N LYS A 113 20.73 -12.74 -5.37
CA LYS A 113 20.13 -13.82 -6.21
C LYS A 113 19.60 -13.23 -7.55
N VAL A 114 18.82 -12.14 -7.47
CA VAL A 114 18.31 -11.56 -8.71
C VAL A 114 19.43 -11.07 -9.61
N ASN A 115 20.46 -10.47 -9.06
CA ASN A 115 21.49 -9.99 -9.93
C ASN A 115 22.35 -11.14 -10.48
N TYR A 116 22.43 -12.26 -9.73
CA TYR A 116 23.10 -13.46 -10.38
C TYR A 116 22.31 -13.89 -11.58
N ILE A 117 20.97 -13.85 -11.44
CA ILE A 117 20.09 -14.24 -12.59
C ILE A 117 20.29 -13.24 -13.74
N LEU A 118 20.31 -11.92 -13.44
CA LEU A 118 20.51 -10.97 -14.58
C LEU A 118 21.92 -11.15 -15.24
N GLU A 119 22.92 -11.37 -14.42
CA GLU A 119 24.29 -11.48 -14.92
C GLU A 119 24.50 -12.73 -15.81
N SER A 120 23.75 -13.81 -15.61
CA SER A 120 23.96 -15.02 -16.35
C SER A 120 23.50 -14.92 -17.78
N ARG A 121 22.78 -13.86 -18.17
CA ARG A 121 22.45 -13.68 -19.64
C ARG A 121 23.80 -13.55 -20.47
N ALA A 122 23.96 -14.09 -21.61
CA ALA A 122 25.47 -14.14 -22.03
C ALA A 122 25.54 -14.56 -23.50
N GLY B 1 -38.14 0.83 6.92
CA GLY B 1 -39.32 1.75 6.71
C GLY B 1 -38.69 3.16 6.62
N ALA B 2 -39.54 4.13 6.43
CA ALA B 2 -39.22 5.50 6.17
C ALA B 2 -38.46 6.04 7.42
N MET B 3 -38.89 5.74 8.69
CA MET B 3 -38.21 6.33 9.88
C MET B 3 -36.74 5.86 9.92
N ALA B 4 -36.54 4.55 9.75
CA ALA B 4 -35.21 3.96 9.79
C ALA B 4 -34.35 4.53 8.65
N THR B 5 -34.93 4.72 7.49
CA THR B 5 -34.08 5.21 6.39
C THR B 5 -33.67 6.68 6.63
N VAL B 6 -34.61 7.45 7.11
CA VAL B 6 -34.31 8.88 7.45
C VAL B 6 -33.27 8.93 8.55
N GLN B 7 -33.45 8.11 9.62
CA GLN B 7 -32.50 8.14 10.69
C GLN B 7 -31.08 7.76 10.19
N ASP B 8 -30.99 6.77 9.31
CA ASP B 8 -29.67 6.39 8.76
C ASP B 8 -29.08 7.44 7.87
N MET B 9 -29.93 8.16 7.10
CA MET B 9 -29.39 9.28 6.37
C MET B 9 -28.88 10.35 7.32
N LEU B 10 -29.61 10.64 8.40
CA LEU B 10 -29.13 11.76 9.27
C LEU B 10 -27.77 11.35 9.85
N SER B 11 -27.77 10.14 10.33
CA SER B 11 -26.65 9.62 11.04
C SER B 11 -25.37 9.51 10.15
N SER B 12 -25.50 9.13 8.90
CA SER B 12 -24.33 9.03 8.01
C SER B 12 -23.90 10.43 7.57
N HIS B 13 -24.84 11.36 7.33
CA HIS B 13 -24.42 12.69 6.93
C HIS B 13 -24.09 13.70 8.00
N HIS B 14 -24.43 13.41 9.26
CA HIS B 14 -24.04 14.39 10.34
C HIS B 14 -22.48 14.47 10.36
N TYR B 15 -21.96 15.65 10.61
CA TYR B 15 -20.52 15.82 10.92
C TYR B 15 -20.08 14.91 12.05
N LYS B 16 -18.95 14.23 11.85
CA LYS B 16 -18.29 13.44 12.90
C LYS B 16 -16.77 13.51 12.62
N SER B 17 -15.97 13.75 13.66
CA SER B 17 -14.51 13.67 13.49
C SER B 17 -13.87 12.50 14.17
N PHE B 18 -12.65 12.18 13.71
CA PHE B 18 -12.04 10.91 14.07
C PHE B 18 -10.58 11.28 14.23
N LYS B 19 -9.95 10.72 15.27
CA LYS B 19 -8.49 10.93 15.45
C LYS B 19 -7.73 9.80 14.71
N VAL B 20 -6.99 10.11 13.63
CA VAL B 20 -6.36 9.00 12.87
C VAL B 20 -5.01 9.52 12.57
N SER B 21 -4.14 8.67 12.05
CA SER B 21 -2.88 9.27 11.67
C SER B 21 -2.75 9.23 10.18
N MET B 22 -2.34 10.35 9.62
CA MET B 22 -2.24 10.46 8.22
C MET B 22 -0.81 10.00 7.84
N ILE B 23 -0.71 9.24 6.76
CA ILE B 23 0.54 8.57 6.36
C ILE B 23 1.13 9.39 5.17
N HIS B 24 2.24 10.06 5.46
CA HIS B 24 2.95 10.83 4.42
C HIS B 24 3.90 9.95 3.60
N ARG B 25 4.70 9.10 4.26
CA ARG B 25 5.57 8.02 3.69
C ARG B 25 5.68 6.92 4.72
N LEU B 26 6.22 5.81 4.23
CA LEU B 26 6.35 4.61 4.98
C LEU B 26 6.85 4.99 6.37
N ARG B 27 6.11 4.60 7.40
CA ARG B 27 6.47 4.98 8.80
C ARG B 27 6.72 6.48 9.11
N PHE B 28 6.21 7.41 8.29
CA PHE B 28 6.23 8.84 8.64
C PHE B 28 4.78 9.30 8.65
N THR B 29 4.20 9.48 9.81
CA THR B 29 2.80 9.78 9.92
C THR B 29 2.63 10.96 10.84
N THR B 30 1.56 11.75 10.69
CA THR B 30 1.16 12.72 11.74
C THR B 30 -0.27 12.46 12.25
N ASP B 31 -0.51 12.80 13.51
CA ASP B 31 -1.82 12.65 14.09
C ASP B 31 -2.73 13.77 13.58
N VAL B 32 -3.94 13.38 13.20
CA VAL B 32 -4.85 14.43 12.65
C VAL B 32 -6.22 14.20 13.18
N GLN B 33 -7.03 15.25 13.04
CA GLN B 33 -8.47 15.14 13.22
C GLN B 33 -9.10 15.21 11.78
N LEU B 34 -9.77 14.15 11.44
CA LEU B 34 -10.42 13.99 10.13
C LEU B 34 -11.92 14.19 10.44
N GLY B 35 -12.45 15.27 9.91
CA GLY B 35 -13.86 15.63 10.10
C GLY B 35 -14.65 15.28 8.82
N ILE B 36 -15.69 14.46 8.93
CA ILE B 36 -16.45 14.10 7.75
C ILE B 36 -17.92 14.46 7.96
N SER B 37 -18.53 15.12 6.97
CA SER B 37 -19.98 15.24 6.89
C SER B 37 -20.48 15.07 5.45
N GLY B 38 -21.82 15.16 5.28
CA GLY B 38 -22.43 15.20 3.98
C GLY B 38 -21.91 16.38 3.12
N ASP B 39 -21.42 17.45 3.75
CA ASP B 39 -20.98 18.60 3.02
C ASP B 39 -19.46 18.69 2.76
N LYS B 40 -18.66 18.17 3.67
CA LYS B 40 -17.19 18.40 3.52
C LYS B 40 -16.39 17.36 4.24
N VAL B 41 -15.14 17.14 3.79
CA VAL B 41 -14.21 16.36 4.57
C VAL B 41 -13.06 17.37 4.92
N GLU B 42 -12.65 17.43 6.17
CA GLU B 42 -11.58 18.36 6.60
C GLU B 42 -10.52 17.60 7.32
N ILE B 43 -9.27 18.01 7.18
CA ILE B 43 -8.16 17.32 7.87
C ILE B 43 -7.36 18.40 8.60
N ASP B 44 -7.24 18.29 9.90
CA ASP B 44 -6.52 19.32 10.67
C ASP B 44 -5.51 18.56 11.51
N PRO B 45 -4.26 19.05 11.51
CA PRO B 45 -3.19 18.59 12.51
C PRO B 45 -3.74 18.68 13.94
N VAL B 46 -3.50 17.68 14.79
CA VAL B 46 -3.94 17.76 16.21
C VAL B 46 -3.20 18.86 17.03
N ILE B 57 6.93 18.52 5.42
CA ILE B 57 5.60 18.04 5.03
C ILE B 57 4.47 19.03 5.43
N LYS B 58 3.52 19.27 4.51
CA LYS B 58 2.40 20.27 4.66
C LYS B 58 1.57 20.09 5.92
N GLN B 59 1.45 21.14 6.74
CA GLN B 59 0.60 21.07 7.95
C GLN B 59 -0.57 22.09 7.89
N LYS B 60 -0.80 22.69 6.70
CA LYS B 60 -1.98 23.55 6.47
C LYS B 60 -3.24 22.62 6.49
N PRO B 61 -4.30 23.02 7.24
CA PRO B 61 -5.59 22.24 7.13
C PRO B 61 -5.96 21.92 5.65
N ILE B 62 -6.61 20.77 5.37
CA ILE B 62 -7.13 20.44 4.02
C ILE B 62 -8.69 20.46 4.08
N SER B 63 -9.37 20.97 3.06
CA SER B 63 -10.83 21.04 3.13
C SER B 63 -11.30 20.60 1.77
N ILE B 64 -12.15 19.59 1.71
CA ILE B 64 -12.58 18.99 0.42
C ILE B 64 -14.11 19.01 0.44
N ASP B 65 -14.69 19.62 -0.58
CA ASP B 65 -16.14 19.59 -0.78
C ASP B 65 -16.54 18.21 -1.00
N SER B 66 -17.64 17.80 -0.37
CA SER B 66 -17.94 16.38 -0.47
C SER B 66 -18.28 16.01 -1.90
N ASP B 67 -18.82 16.93 -2.69
CA ASP B 67 -19.09 16.59 -4.14
C ASP B 67 -17.76 16.32 -4.97
N LEU B 68 -16.59 16.51 -4.37
CA LEU B 68 -15.25 16.28 -5.10
C LEU B 68 -14.70 14.95 -4.60
N LEU B 69 -15.42 14.26 -3.68
CA LEU B 69 -14.96 12.96 -3.21
C LEU B 69 -15.21 11.93 -4.30
N CYS B 70 -14.33 10.95 -4.41
CA CYS B 70 -14.53 9.90 -5.46
C CYS B 70 -14.67 8.55 -4.86
N ALA B 71 -13.88 8.16 -3.86
CA ALA B 71 -13.85 6.81 -3.36
C ALA B 71 -13.22 6.76 -1.96
N CYS B 72 -13.54 5.73 -1.24
CA CYS B 72 -12.89 5.50 0.03
C CYS B 72 -12.85 3.97 0.25
N ASP B 73 -11.63 3.46 0.34
CA ASP B 73 -11.45 1.99 0.40
C ASP B 73 -10.54 1.61 1.47
N LEU B 74 -10.77 0.41 1.99
CA LEU B 74 -9.83 -0.24 2.92
C LEU B 74 -8.61 -0.76 2.14
N ALA B 75 -7.42 -0.46 2.59
CA ALA B 75 -6.25 -0.79 1.76
C ALA B 75 -5.57 -1.96 2.39
N GLU B 76 -5.45 -1.99 3.71
CA GLU B 76 -4.75 -3.09 4.44
C GLU B 76 -5.42 -3.16 5.83
N GLU B 77 -5.87 -4.32 6.22
CA GLU B 77 -6.12 -4.54 7.63
C GLU B 77 -5.10 -5.51 8.20
N LYS B 78 -4.17 -5.01 9.00
CA LYS B 78 -3.17 -5.81 9.69
C LYS B 78 -3.68 -6.59 10.88
N SER B 79 -4.20 -5.90 11.86
CA SER B 79 -4.77 -6.55 13.02
C SER B 79 -5.98 -5.72 13.45
N PRO B 80 -6.78 -6.22 14.41
CA PRO B 80 -7.75 -5.40 15.10
C PRO B 80 -7.28 -4.00 15.47
N SER B 81 -6.02 -3.82 15.79
CA SER B 81 -5.58 -2.48 16.08
C SER B 81 -4.80 -1.69 14.93
N HIS B 82 -4.73 -2.19 13.71
CA HIS B 82 -3.99 -1.46 12.66
C HIS B 82 -4.67 -1.74 11.33
N ALA B 83 -5.30 -0.69 10.76
CA ALA B 83 -5.91 -0.79 9.42
C ALA B 83 -5.59 0.54 8.73
N ILE B 84 -5.55 0.48 7.37
CA ILE B 84 -5.17 1.62 6.53
C ILE B 84 -6.25 1.74 5.52
N PHE B 85 -6.66 2.99 5.27
CA PHE B 85 -7.62 3.24 4.24
C PHE B 85 -7.15 4.40 3.37
N LYS B 86 -7.75 4.47 2.19
CA LYS B 86 -7.35 5.40 1.19
C LYS B 86 -8.53 6.22 0.75
N LEU B 87 -8.39 7.53 0.83
CA LEU B 87 -9.50 8.38 0.35
C LEU B 87 -9.02 9.03 -0.95
N THR B 88 -9.89 9.07 -1.97
CA THR B 88 -9.61 9.68 -3.28
C THR B 88 -10.59 10.75 -3.54
N TYR B 89 -10.08 11.90 -4.00
CA TYR B 89 -10.85 13.02 -4.31
C TYR B 89 -10.26 13.80 -5.47
N LEU B 90 -11.04 14.72 -6.09
CA LEU B 90 -10.57 15.63 -7.15
C LEU B 90 -10.06 16.95 -6.63
N SER B 91 -8.88 17.36 -7.12
CA SER B 91 -8.33 18.62 -6.65
C SER B 91 -7.69 19.27 -7.86
N ASN B 92 -8.23 20.41 -8.21
CA ASN B 92 -7.82 21.14 -9.43
C ASN B 92 -7.61 20.13 -10.58
N HIS B 93 -8.64 19.30 -10.80
CA HIS B 93 -8.68 18.40 -11.99
C HIS B 93 -7.86 17.17 -11.98
N ASP B 94 -7.19 16.77 -10.87
CA ASP B 94 -6.46 15.47 -10.77
C ASP B 94 -7.03 14.65 -9.59
N TYR B 95 -6.94 13.32 -9.66
CA TYR B 95 -7.26 12.47 -8.51
C TYR B 95 -6.13 12.52 -7.50
N LYS B 96 -6.37 12.84 -6.25
CA LYS B 96 -5.37 12.74 -5.19
C LYS B 96 -5.79 11.68 -4.23
N HIS B 97 -4.82 11.16 -3.48
CA HIS B 97 -5.10 10.03 -2.56
C HIS B 97 -4.51 10.39 -1.24
N LEU B 98 -5.30 10.22 -0.18
CA LEU B 98 -4.81 10.43 1.16
C LEU B 98 -4.91 9.07 1.81
N TYR B 99 -3.94 8.75 2.64
CA TYR B 99 -3.96 7.47 3.34
C TYR B 99 -3.88 7.76 4.81
N PHE B 100 -4.61 6.96 5.60
CA PHE B 100 -4.66 7.21 7.04
C PHE B 100 -4.61 5.85 7.69
N GLU B 101 -4.20 5.82 8.95
CA GLU B 101 -4.39 4.54 9.64
C GLU B 101 -4.89 4.79 11.01
N SER B 102 -5.50 3.75 11.56
CA SER B 102 -6.08 3.79 12.86
C SER B 102 -6.37 2.39 13.26
N ASP B 103 -7.13 2.23 14.34
CA ASP B 103 -7.55 0.90 14.71
C ASP B 103 -8.62 0.44 13.75
N ALA B 104 -8.81 -0.88 13.66
CA ALA B 104 -9.68 -1.39 12.60
C ALA B 104 -11.21 -1.04 12.66
N ALA B 105 -11.75 -0.89 13.87
CA ALA B 105 -13.17 -0.54 14.03
C ALA B 105 -13.38 0.93 13.51
N THR B 106 -12.48 1.82 13.93
CA THR B 106 -12.50 3.22 13.48
C THR B 106 -12.42 3.29 11.93
N VAL B 107 -11.47 2.56 11.34
CA VAL B 107 -11.28 2.56 9.93
C VAL B 107 -12.54 2.10 9.20
N ASN B 108 -13.09 0.96 9.65
CA ASN B 108 -14.30 0.44 9.04
C ASN B 108 -15.47 1.43 9.20
N GLU B 109 -15.56 2.12 10.34
CA GLU B 109 -16.66 3.10 10.47
C GLU B 109 -16.47 4.24 9.47
N ILE B 110 -15.26 4.73 9.30
CA ILE B 110 -15.01 5.83 8.40
C ILE B 110 -15.29 5.46 6.94
N VAL B 111 -14.77 4.27 6.55
CA VAL B 111 -14.95 3.80 5.14
C VAL B 111 -16.48 3.66 4.91
N LEU B 112 -17.19 3.10 5.85
CA LEU B 112 -18.68 2.96 5.56
C LEU B 112 -19.38 4.33 5.49
N LYS B 113 -18.99 5.24 6.42
CA LYS B 113 -19.65 6.61 6.43
C LYS B 113 -19.38 7.36 5.08
N VAL B 114 -18.11 7.39 4.61
CA VAL B 114 -17.83 8.04 3.36
C VAL B 114 -18.61 7.33 2.18
N ASN B 115 -18.61 6.00 2.13
CA ASN B 115 -19.37 5.38 1.02
C ASN B 115 -20.87 5.60 1.09
N TYR B 116 -21.35 5.72 2.33
CA TYR B 116 -22.77 5.97 2.45
C TYR B 116 -23.04 7.35 1.91
N ILE B 117 -22.16 8.34 2.11
CA ILE B 117 -22.36 9.66 1.52
C ILE B 117 -22.17 9.64 -0.01
N LEU B 118 -21.17 8.89 -0.53
CA LEU B 118 -21.04 8.80 -2.03
C LEU B 118 -22.33 8.17 -2.62
N GLU B 119 -22.80 7.06 -2.03
CA GLU B 119 -24.01 6.40 -2.54
C GLU B 119 -25.30 7.17 -2.43
N SER B 120 -25.37 8.18 -1.55
CA SER B 120 -26.58 8.93 -1.39
C SER B 120 -26.76 9.98 -2.47
N ARG B 121 -25.73 10.27 -3.25
CA ARG B 121 -25.95 11.24 -4.31
C ARG B 121 -27.03 10.78 -5.35
N ALA B 122 -27.11 9.51 -5.65
CA ALA B 122 -28.08 9.06 -6.74
C ALA B 122 -29.55 9.28 -6.26
N SER B 123 -30.54 9.46 -7.12
CA SER B 123 -31.92 9.58 -6.52
C SER B 123 -32.58 8.23 -6.29
#